data_5E69
#
_entry.id   5E69
#
_cell.length_a   39.165
_cell.length_b   97.176
_cell.length_c   103.265
_cell.angle_alpha   90.00
_cell.angle_beta   90.00
_cell.angle_gamma   90.00
#
_symmetry.space_group_name_H-M   'P 21 21 21'
#
loop_
_entity.id
_entity.type
_entity.pdbx_description
1 polymer 'Glucocorticoid receptor'
2 polymer "DNA (5'-D(*GP*AP*GP*GP*AP*AP*AP*TP*TP*CP*CP*AP*CP*GP*AP*T)-3')"
3 polymer "DNA (5'-D(*AP*TP*CP*GP*TP*GP*GP*AP*AP*TP*TP*TP*CP*CP*TP*C)-3')"
4 non-polymer 'ZINC ION'
5 water water
#
loop_
_entity_poly.entity_id
_entity_poly.type
_entity_poly.pdbx_seq_one_letter_code
_entity_poly.pdbx_strand_id
1 'polypeptide(L)'
;MHHHHHHSSGVDLGTENLYFQSNAPPKLCLVCSDEASGCHYGVLTCGSCKVFFKRAVEGQHNYLCAGRNDCIIDKIRRKN
CPACRYRKCLQAGMNLEARKTKKKIKGIQQATTG
;
A,B
2 'polydeoxyribonucleotide' (DG)(DA)(DG)(DG)(DA)(DA)(DA)(DT)(DT)(DC)(DC)(DA)(DC)(DG)(DA)(DT) C
3 'polydeoxyribonucleotide' (DA)(DT)(DC)(DG)(DT)(DG)(DG)(DA)(DA)(DT)(DT)(DT)(DC)(DC)(DT)(DC) D
#
loop_
_chem_comp.id
_chem_comp.type
_chem_comp.name
_chem_comp.formula
DA DNA linking 2'-DEOXYADENOSINE-5'-MONOPHOSPHATE 'C10 H14 N5 O6 P'
DC DNA linking 2'-DEOXYCYTIDINE-5'-MONOPHOSPHATE 'C9 H14 N3 O7 P'
DG DNA linking 2'-DEOXYGUANOSINE-5'-MONOPHOSPHATE 'C10 H14 N5 O7 P'
DT DNA linking THYMIDINE-5'-MONOPHOSPHATE 'C10 H15 N2 O8 P'
ZN non-polymer 'ZINC ION' 'Zn 2'
#
# COMPACT_ATOMS: atom_id res chain seq x y z
N PRO A 26 10.96 6.63 -26.75
CA PRO A 26 11.24 5.25 -26.33
C PRO A 26 10.01 4.56 -25.71
N LYS A 27 10.26 3.64 -24.79
CA LYS A 27 9.20 2.97 -24.02
C LYS A 27 9.70 2.69 -22.62
N LEU A 28 8.98 1.86 -21.86
CA LEU A 28 9.35 1.61 -20.46
C LEU A 28 9.27 2.86 -19.54
N CYS A 29 8.09 3.08 -18.96
CA CYS A 29 7.84 4.16 -18.00
C CYS A 29 8.94 4.26 -16.94
N LEU A 30 9.45 5.47 -16.73
CA LEU A 30 10.59 5.69 -15.84
C LEU A 30 10.21 5.61 -14.37
N VAL A 31 8.92 5.50 -14.07
CA VAL A 31 8.48 5.35 -12.70
C VAL A 31 8.30 3.87 -12.35
N CYS A 32 7.36 3.20 -13.00
CA CYS A 32 7.06 1.79 -12.70
C CYS A 32 7.62 0.72 -13.68
N SER A 33 8.29 1.13 -14.74
CA SER A 33 8.85 0.21 -15.77
C SER A 33 7.81 -0.46 -16.67
N ASP A 34 6.53 -0.17 -16.47
CA ASP A 34 5.48 -0.62 -17.39
C ASP A 34 5.68 0.08 -18.74
N GLU A 35 5.06 -0.44 -19.80
CA GLU A 35 5.19 0.15 -21.12
C GLU A 35 4.70 1.60 -21.13
N ALA A 36 5.53 2.50 -21.61
CA ALA A 36 5.22 3.93 -21.60
C ALA A 36 4.31 4.32 -22.77
N SER A 37 3.36 5.22 -22.50
CA SER A 37 2.46 5.70 -23.54
C SER A 37 2.98 6.99 -24.21
N GLY A 38 4.02 7.58 -23.63
CA GLY A 38 4.57 8.81 -24.18
C GLY A 38 5.23 9.70 -23.14
N CYS A 39 5.46 10.95 -23.49
CA CYS A 39 6.08 11.89 -22.58
C CYS A 39 5.01 12.70 -21.85
N HIS A 40 4.86 12.42 -20.55
CA HIS A 40 3.81 13.06 -19.75
C HIS A 40 4.40 13.86 -18.61
N TYR A 41 4.03 15.14 -18.56
CA TYR A 41 4.54 16.07 -17.54
C TYR A 41 6.06 16.06 -17.52
N GLY A 42 6.65 15.96 -18.72
CA GLY A 42 8.08 16.09 -18.89
C GLY A 42 8.86 14.79 -18.91
N VAL A 43 8.22 13.69 -18.55
CA VAL A 43 8.92 12.42 -18.35
C VAL A 43 8.23 11.27 -19.11
N LEU A 44 9.02 10.33 -19.62
CA LEU A 44 8.45 9.16 -20.27
C LEU A 44 7.77 8.30 -19.21
N THR A 45 6.47 8.10 -19.36
CA THR A 45 5.67 7.39 -18.35
C THR A 45 4.51 6.64 -18.99
N CYS A 46 3.93 5.72 -18.23
CA CYS A 46 2.72 5.03 -18.66
C CYS A 46 1.51 5.89 -18.35
N GLY A 47 0.34 5.43 -18.76
CA GLY A 47 -0.89 6.17 -18.55
C GLY A 47 -1.28 6.27 -17.10
N SER A 48 -1.09 5.19 -16.34
CA SER A 48 -1.55 5.18 -14.95
C SER A 48 -0.68 6.08 -14.07
N CYS A 49 0.61 6.17 -14.38
CA CYS A 49 1.51 7.02 -13.60
C CYS A 49 1.28 8.50 -13.95
N LYS A 50 0.82 8.74 -15.18
CA LYS A 50 0.43 10.10 -15.59
C LYS A 50 -0.71 10.65 -14.73
N VAL A 51 -1.78 9.89 -14.60
CA VAL A 51 -2.94 10.35 -13.85
C VAL A 51 -2.73 10.24 -12.34
N PHE A 52 -1.86 9.32 -11.93
CA PHE A 52 -1.48 9.24 -10.52
C PHE A 52 -0.80 10.53 -10.08
N PHE A 53 0.17 10.96 -10.87
CA PHE A 53 0.94 12.16 -10.55
C PHE A 53 0.05 13.39 -10.50
N LYS A 54 -0.82 13.53 -11.49
CA LYS A 54 -1.78 14.64 -11.53
C LYS A 54 -2.63 14.68 -10.26
N ARG A 55 -3.11 13.51 -9.84
CA ARG A 55 -3.90 13.40 -8.60
C ARG A 55 -3.07 13.80 -7.38
N ALA A 56 -1.86 13.25 -7.30
CA ALA A 56 -1.01 13.41 -6.12
C ALA A 56 -0.47 14.83 -5.97
N VAL A 57 -0.17 15.46 -7.10
CA VAL A 57 0.49 16.77 -7.09
C VAL A 57 -0.50 17.92 -6.82
N GLU A 58 -1.77 17.72 -7.14
CA GLU A 58 -2.78 18.71 -6.78
C GLU A 58 -3.46 18.34 -5.47
N GLY A 59 -3.21 17.12 -5.02
CA GLY A 59 -3.82 16.64 -3.80
C GLY A 59 -2.96 17.00 -2.62
N GLN A 60 -3.14 16.27 -1.53
CA GLN A 60 -2.38 16.50 -0.31
C GLN A 60 -1.01 15.83 -0.38
N HIS A 61 -0.98 14.67 -1.04
CA HIS A 61 0.14 13.72 -0.97
C HIS A 61 0.63 13.56 0.48
N ASN A 62 -0.34 13.26 1.35
CA ASN A 62 -0.10 12.94 2.76
C ASN A 62 0.81 11.74 2.99
N TYR A 63 1.03 11.00 1.90
CA TYR A 63 1.31 9.57 1.94
C TYR A 63 2.40 9.21 2.92
N LEU A 64 2.14 8.13 3.66
CA LEU A 64 3.13 7.58 4.56
C LEU A 64 3.58 6.22 4.05
N CYS A 65 4.89 6.01 3.99
CA CYS A 65 5.44 4.72 3.64
C CYS A 65 5.43 3.81 4.88
N ALA A 66 5.00 2.56 4.68
CA ALA A 66 4.99 1.58 5.78
C ALA A 66 6.31 0.84 5.86
N GLY A 67 7.15 1.07 4.85
CA GLY A 67 8.47 0.49 4.74
C GLY A 67 9.57 1.45 5.11
N ARG A 68 10.69 1.32 4.41
CA ARG A 68 11.89 2.16 4.57
C ARG A 68 12.03 3.28 3.54
N ASN A 69 10.95 3.58 2.81
CA ASN A 69 10.91 4.54 1.71
C ASN A 69 11.76 4.14 0.51
N ASP A 70 12.12 2.86 0.44
CA ASP A 70 12.72 2.24 -0.75
C ASP A 70 11.80 1.28 -1.50
N CYS A 71 10.50 1.29 -1.23
CA CYS A 71 9.57 0.29 -1.78
C CYS A 71 9.72 0.08 -3.28
N ILE A 72 9.65 -1.18 -3.71
CA ILE A 72 9.74 -1.51 -5.13
C ILE A 72 8.46 -1.09 -5.84
N ILE A 73 8.61 -0.25 -6.86
CA ILE A 73 7.46 0.21 -7.61
C ILE A 73 7.51 -0.38 -9.02
N ASP A 74 6.64 -1.34 -9.29
CA ASP A 74 6.51 -1.92 -10.62
C ASP A 74 5.03 -2.12 -10.91
N LYS A 75 4.71 -2.72 -12.04
CA LYS A 75 3.30 -2.86 -12.45
C LYS A 75 2.48 -3.61 -11.40
N ILE A 76 3.10 -4.57 -10.73
CA ILE A 76 2.42 -5.36 -9.71
C ILE A 76 2.29 -4.62 -8.37
N ARG A 77 3.36 -3.95 -7.96
CA ARG A 77 3.43 -3.34 -6.63
C ARG A 77 3.17 -1.81 -6.53
N ARG A 78 2.92 -1.14 -7.65
CA ARG A 78 2.84 0.32 -7.62
C ARG A 78 1.66 0.86 -6.81
N LYS A 79 0.61 0.05 -6.64
CA LYS A 79 -0.55 0.46 -5.85
C LYS A 79 -0.28 0.43 -4.35
N ASN A 80 0.72 -0.35 -3.94
CA ASN A 80 0.99 -0.55 -2.52
C ASN A 80 1.45 0.72 -1.79
N CYS A 81 2.33 1.48 -2.41
CA CYS A 81 2.91 2.63 -1.72
C CYS A 81 2.91 3.90 -2.56
N PRO A 82 1.83 4.69 -2.43
CA PRO A 82 1.77 5.98 -3.12
C PRO A 82 2.90 6.92 -2.70
N ALA A 83 3.37 6.83 -1.45
CA ALA A 83 4.50 7.65 -1.02
C ALA A 83 5.72 7.41 -1.89
N CYS A 84 6.08 6.15 -2.07
CA CYS A 84 7.27 5.82 -2.85
C CYS A 84 7.03 6.05 -4.33
N ARG A 85 5.80 5.82 -4.78
CA ARG A 85 5.48 6.08 -6.18
C ARG A 85 5.61 7.57 -6.49
N TYR A 86 5.08 8.41 -5.61
CA TYR A 86 5.15 9.86 -5.81
C TYR A 86 6.59 10.35 -5.75
N ARG A 87 7.36 9.79 -4.82
CA ARG A 87 8.79 10.13 -4.72
C ARG A 87 9.52 9.79 -6.02
N LYS A 88 9.20 8.64 -6.61
CA LYS A 88 9.83 8.24 -7.87
C LYS A 88 9.40 9.15 -9.02
N CYS A 89 8.16 9.59 -9.00
CA CYS A 89 7.68 10.57 -9.99
C CYS A 89 8.52 11.84 -9.95
N LEU A 90 8.74 12.36 -8.74
CA LEU A 90 9.51 13.59 -8.56
C LEU A 90 10.97 13.40 -8.94
N GLN A 91 11.55 12.27 -8.54
CA GLN A 91 12.96 12.01 -8.83
C GLN A 91 13.17 11.89 -10.34
N ALA A 92 12.18 11.35 -11.04
CA ALA A 92 12.26 11.22 -12.49
C ALA A 92 12.10 12.58 -13.18
N GLY A 93 11.61 13.58 -12.43
CA GLY A 93 11.50 14.93 -12.93
C GLY A 93 10.11 15.39 -13.39
N MET A 94 9.07 14.65 -13.02
CA MET A 94 7.72 15.04 -13.42
C MET A 94 7.31 16.37 -12.80
N ASN A 95 6.68 17.22 -13.61
CA ASN A 95 6.20 18.51 -13.13
C ASN A 95 5.01 18.99 -13.95
N LEU A 96 4.10 19.71 -13.31
CA LEU A 96 2.86 20.13 -13.97
C LEU A 96 3.07 21.15 -15.07
N GLU A 97 4.06 22.03 -14.91
CA GLU A 97 4.22 23.16 -15.82
C GLU A 97 5.03 22.80 -17.08
N ALA A 98 5.45 21.54 -17.18
CA ALA A 98 6.19 21.08 -18.34
C ALA A 98 5.34 21.17 -19.61
N PRO D 26 -9.23 1.60 26.51
CA PRO D 26 -7.77 1.62 26.42
C PRO D 26 -7.19 0.39 25.74
N LYS D 27 -8.02 -0.61 25.46
CA LYS D 27 -7.52 -1.84 24.82
C LYS D 27 -7.34 -1.65 23.31
N LEU D 28 -6.25 -2.20 22.78
CA LEU D 28 -5.85 -1.93 21.40
C LEU D 28 -5.90 -3.17 20.50
N CYS D 29 -6.19 -2.94 19.22
CA CYS D 29 -6.11 -4.00 18.21
C CYS D 29 -4.70 -4.55 18.15
N LEU D 30 -4.58 -5.87 18.22
CA LEU D 30 -3.27 -6.51 18.23
C LEU D 30 -2.60 -6.49 16.86
N VAL D 31 -3.34 -6.05 15.84
CA VAL D 31 -2.79 -5.97 14.49
C VAL D 31 -2.34 -4.54 14.17
N CYS D 32 -3.28 -3.61 14.10
CA CYS D 32 -2.98 -2.22 13.73
C CYS D 32 -2.88 -1.20 14.88
N SER D 33 -3.04 -1.66 16.12
CA SER D 33 -2.94 -0.80 17.32
C SER D 33 -4.06 0.23 17.48
N ASP D 34 -5.00 0.27 16.55
CA ASP D 34 -6.20 1.08 16.70
C ASP D 34 -7.03 0.48 17.84
N GLU D 35 -7.95 1.24 18.42
CA GLU D 35 -8.68 0.74 19.58
C GLU D 35 -9.58 -0.45 19.19
N ALA D 36 -9.57 -1.48 20.02
CA ALA D 36 -10.22 -2.75 19.71
C ALA D 36 -11.70 -2.74 20.06
N SER D 37 -12.51 -3.41 19.23
CA SER D 37 -13.95 -3.48 19.45
C SER D 37 -14.37 -4.77 20.16
N GLY D 38 -13.42 -5.66 20.41
CA GLY D 38 -13.73 -6.92 21.07
C GLY D 38 -12.82 -8.04 20.60
N CYS D 39 -13.17 -9.27 20.97
CA CYS D 39 -12.38 -10.43 20.56
C CYS D 39 -12.97 -11.06 19.30
N HIS D 40 -12.25 -10.93 18.20
CA HIS D 40 -12.75 -11.40 16.90
C HIS D 40 -11.83 -12.46 16.31
N TYR D 41 -12.42 -13.62 16.01
CA TYR D 41 -11.70 -14.76 15.46
C TYR D 41 -10.53 -15.18 16.34
N GLY D 42 -10.70 -15.01 17.64
CA GLY D 42 -9.73 -15.50 18.62
C GLY D 42 -8.77 -14.45 19.13
N VAL D 43 -8.78 -13.27 18.52
CA VAL D 43 -7.79 -12.24 18.83
C VAL D 43 -8.46 -10.89 19.08
N LEU D 44 -7.93 -10.12 20.02
CA LEU D 44 -8.43 -8.77 20.27
C LEU D 44 -8.07 -7.89 19.07
N THR D 45 -9.09 -7.34 18.40
CA THR D 45 -8.89 -6.59 17.15
C THR D 45 -9.93 -5.49 16.99
N CYS D 46 -9.64 -4.57 16.07
CA CYS D 46 -10.60 -3.53 15.71
C CYS D 46 -11.58 -4.08 14.67
N GLY D 47 -12.54 -3.26 14.29
CA GLY D 47 -13.56 -3.67 13.33
C GLY D 47 -13.01 -3.86 11.93
N SER D 48 -12.17 -2.93 11.49
CA SER D 48 -11.63 -2.99 10.13
C SER D 48 -10.73 -4.21 9.93
N CYS D 49 -9.89 -4.51 10.92
CA CYS D 49 -9.00 -5.65 10.81
C CYS D 49 -9.77 -6.98 10.85
N LYS D 50 -10.87 -7.00 11.57
CA LYS D 50 -11.71 -8.20 11.61
C LYS D 50 -12.33 -8.46 10.24
N VAL D 51 -12.85 -7.40 9.63
CA VAL D 51 -13.47 -7.49 8.31
C VAL D 51 -12.43 -7.82 7.24
N PHE D 52 -11.26 -7.21 7.35
CA PHE D 52 -10.15 -7.48 6.44
C PHE D 52 -9.75 -8.96 6.46
N PHE D 53 -9.60 -9.52 7.66
CA PHE D 53 -9.18 -10.90 7.80
C PHE D 53 -10.19 -11.86 7.20
N LYS D 54 -11.47 -11.65 7.50
CA LYS D 54 -12.54 -12.47 6.95
C LYS D 54 -12.51 -12.47 5.42
N ARG D 55 -12.41 -11.28 4.82
CA ARG D 55 -12.34 -11.15 3.37
C ARG D 55 -11.07 -11.78 2.79
N ALA D 56 -9.99 -11.72 3.55
CA ALA D 56 -8.72 -12.28 3.09
C ALA D 56 -8.76 -13.80 3.00
N VAL D 57 -9.35 -14.43 4.03
CA VAL D 57 -9.45 -15.88 4.07
C VAL D 57 -10.49 -16.40 3.08
N GLU D 58 -11.66 -15.76 3.07
CA GLU D 58 -12.74 -16.15 2.17
C GLU D 58 -12.33 -16.07 0.68
N GLY D 59 -11.41 -15.17 0.35
CA GLY D 59 -11.09 -14.89 -1.04
C GLY D 59 -9.76 -15.46 -1.48
N GLN D 60 -9.02 -15.94 -0.50
CA GLN D 60 -7.76 -16.60 -0.73
C GLN D 60 -6.87 -15.78 -1.66
N HIS D 61 -6.53 -14.60 -1.10
CA HIS D 61 -5.88 -13.50 -1.77
C HIS D 61 -4.38 -13.70 -1.90
N ASN D 62 -3.86 -13.33 -3.07
CA ASN D 62 -2.44 -13.27 -3.27
C ASN D 62 -1.99 -11.85 -2.99
N TYR D 63 -1.27 -11.67 -1.90
CA TYR D 63 -0.76 -10.36 -1.54
C TYR D 63 0.74 -10.33 -1.72
N LEU D 64 1.26 -9.20 -2.16
CA LEU D 64 2.69 -9.05 -2.33
C LEU D 64 3.18 -7.77 -1.65
N CYS D 65 4.13 -7.93 -0.74
CA CYS D 65 4.77 -6.80 -0.08
C CYS D 65 5.76 -6.12 -1.04
N ALA D 66 5.70 -4.79 -1.13
CA ALA D 66 6.63 -4.02 -1.94
C ALA D 66 7.91 -3.74 -1.15
N GLY D 67 7.87 -4.15 0.10
CA GLY D 67 8.94 -4.00 1.06
C GLY D 67 9.77 -5.26 1.30
N ARG D 68 10.13 -5.43 2.57
CA ARG D 68 10.85 -6.58 3.12
C ARG D 68 10.00 -7.62 3.89
N ASN D 69 8.68 -7.54 3.79
CA ASN D 69 7.73 -8.31 4.62
C ASN D 69 7.82 -7.91 6.10
N ASP D 70 8.40 -6.75 6.37
CA ASP D 70 8.47 -6.15 7.70
C ASP D 70 7.59 -4.90 7.97
N CYS D 71 6.65 -4.58 7.09
CA CYS D 71 5.98 -3.27 7.12
C CYS D 71 5.34 -2.89 8.47
N ILE D 72 5.41 -1.59 8.79
CA ILE D 72 4.68 -1.04 9.93
C ILE D 72 3.19 -1.04 9.65
N ILE D 73 2.42 -1.64 10.54
CA ILE D 73 0.97 -1.64 10.40
C ILE D 73 0.33 -0.83 11.53
N ASP D 74 -0.21 0.33 11.19
CA ASP D 74 -0.99 1.13 12.14
C ASP D 74 -2.24 1.65 11.44
N LYS D 75 -3.01 2.47 12.15
CA LYS D 75 -4.27 2.99 11.61
C LYS D 75 -4.13 3.61 10.22
N ILE D 76 -3.04 4.35 10.00
CA ILE D 76 -2.79 4.96 8.70
C ILE D 76 -2.24 3.97 7.67
N ARG D 77 -1.23 3.21 8.08
CA ARG D 77 -0.43 2.43 7.14
C ARG D 77 -1.00 1.06 6.81
N ARG D 78 -2.05 0.65 7.52
CA ARG D 78 -2.59 -0.69 7.35
C ARG D 78 -3.18 -0.90 5.95
N LYS D 79 -3.55 0.19 5.31
CA LYS D 79 -4.08 0.12 3.95
C LYS D 79 -2.97 -0.12 2.92
N ASN D 80 -1.73 0.19 3.30
CA ASN D 80 -0.61 0.10 2.36
C ASN D 80 -0.22 -1.32 2.01
N CYS D 81 -0.12 -2.18 3.01
CA CYS D 81 0.34 -3.53 2.77
C CYS D 81 -0.58 -4.59 3.34
N PRO D 82 -1.54 -5.03 2.53
CA PRO D 82 -2.41 -6.15 2.93
C PRO D 82 -1.60 -7.41 3.19
N ALA D 83 -0.45 -7.56 2.54
CA ALA D 83 0.39 -8.72 2.75
C ALA D 83 0.88 -8.81 4.19
N CYS D 84 1.48 -7.73 4.68
CA CYS D 84 1.99 -7.71 6.05
C CYS D 84 0.85 -7.66 7.07
N ARG D 85 -0.26 -7.02 6.70
CA ARG D 85 -1.42 -6.96 7.58
C ARG D 85 -1.99 -8.36 7.79
N TYR D 86 -2.14 -9.10 6.70
CA TYR D 86 -2.65 -10.48 6.74
C TYR D 86 -1.71 -11.39 7.53
N ARG D 87 -0.40 -11.25 7.29
CA ARG D 87 0.61 -11.99 8.02
C ARG D 87 0.50 -11.75 9.53
N LYS D 88 0.30 -10.49 9.90
CA LYS D 88 0.17 -10.14 11.31
C LYS D 88 -1.09 -10.73 11.92
N CYS D 89 -2.17 -10.75 11.15
CA CYS D 89 -3.41 -11.40 11.58
C CYS D 89 -3.15 -12.85 11.94
N LEU D 90 -2.45 -13.56 11.05
CA LEU D 90 -2.17 -14.98 11.23
C LEU D 90 -1.23 -15.23 12.41
N GLN D 91 -0.19 -14.43 12.51
CA GLN D 91 0.80 -14.60 13.58
C GLN D 91 0.23 -14.24 14.96
N ALA D 92 -0.79 -13.40 14.97
CA ALA D 92 -1.46 -13.06 16.22
C ALA D 92 -2.44 -14.16 16.65
N GLY D 93 -2.72 -15.09 15.74
CA GLY D 93 -3.56 -16.23 16.05
C GLY D 93 -4.98 -16.21 15.52
N MET D 94 -5.29 -15.25 14.65
CA MET D 94 -6.64 -15.17 14.09
C MET D 94 -6.99 -16.41 13.27
N ASN D 95 -8.18 -16.97 13.55
CA ASN D 95 -8.66 -18.13 12.83
C ASN D 95 -10.18 -18.11 12.75
N LEU D 96 -10.74 -18.52 11.61
CA LEU D 96 -12.18 -18.47 11.40
C LEU D 96 -12.96 -19.41 12.31
N GLU D 97 -12.33 -20.52 12.69
CA GLU D 97 -13.00 -21.57 13.45
C GLU D 97 -12.86 -21.43 14.96
N ALA D 98 -12.24 -20.34 15.39
CA ALA D 98 -12.01 -20.09 16.82
C ALA D 98 -13.30 -20.07 17.62
ZN ZN E . 4.32 3.85 -14.78
ZN ZN F . 7.14 2.96 0.46
ZN ZN G . 4.67 -5.24 3.58
ZN ZN H . -6.79 -3.23 13.65
#